data_6AQN
#
_entry.id   6AQN
#
_cell.length_a   110.761
_cell.length_b   110.761
_cell.length_c   177.814
_cell.angle_alpha   90.00
_cell.angle_beta   90.00
_cell.angle_gamma   90.00
#
_symmetry.space_group_name_H-M   'I 41 2 2'
#
loop_
_entity.id
_entity.type
_entity.pdbx_description
1 polymer 'Polyphosphate:AMP phosphotransferase'
2 non-polymer '[(R)-hydroxy(4-methylphenyl)methyl]phosphonic acid'
3 non-polymer GLYCEROL
4 non-polymer 'S,R MESO-TARTARIC ACID'
5 water water
#
_entity_poly.entity_id   1
_entity_poly.type   'polypeptide(L)'
_entity_poly.pdbx_seq_one_letter_code
;(MSE)ATDFSKLSKYVETLRVKPKQSIDLKKDFDTDYDHK(MSE)LTKEEGEELLNLGISKLSEIQEKLYASGTKSVLIV
FQA(MSE)DAAGKDGTVKHI(MSE)TGLNPQGVKVTSFKVPSKIELSHDYLWRHYVALPATGEIGIFNRSHYENVLVTRV
HPEYLLSEQTSGVTAIEQVNQKFWDKRFQQINNFEQHISENGTIVLKFFLHVSKKEQKKRFIERIELDTKNWKFSTGDLK
ERAHWKDYRNAYED(MSE)LANTSTKQAPWFVIPADDKWFTRLLIAEIICTELEKLNLTFPTVSLEQKAELEKAKAELVA
EKSSD
;
_entity_poly.pdbx_strand_id   A
#
loop_
_chem_comp.id
_chem_comp.type
_chem_comp.name
_chem_comp.formula
BOY non-polymer '[(R)-hydroxy(4-methylphenyl)methyl]phosphonic acid' 'C8 H11 O4 P'
GOL non-polymer GLYCEROL 'C3 H8 O3'
SRT non-polymer 'S,R MESO-TARTARIC ACID' 'C4 H6 O6'
#
# COMPACT_ATOMS: atom_id res chain seq x y z
N THR A 3 8.49 23.77 13.78
CA THR A 3 9.26 23.17 12.70
C THR A 3 8.32 22.61 11.63
N ASP A 4 8.80 22.55 10.39
CA ASP A 4 7.97 22.05 9.31
C ASP A 4 7.57 20.60 9.54
N PHE A 5 8.56 19.73 9.80
CA PHE A 5 8.27 18.32 10.03
C PHE A 5 7.23 18.13 11.12
N SER A 6 7.28 18.97 12.16
CA SER A 6 6.29 18.85 13.24
C SER A 6 4.88 19.09 12.71
N LYS A 7 4.71 20.08 11.84
CA LYS A 7 3.42 20.28 11.20
C LYS A 7 3.05 19.08 10.33
N LEU A 8 4.04 18.48 9.68
CA LEU A 8 3.79 17.34 8.82
C LEU A 8 3.33 16.14 9.62
N SER A 9 4.04 15.83 10.72
CA SER A 9 3.60 14.74 11.58
C SER A 9 2.17 14.95 12.05
N LYS A 10 1.77 16.21 12.25
CA LYS A 10 0.40 16.48 12.70
C LYS A 10 -0.58 16.24 11.57
N TYR A 11 -0.27 16.73 10.36
CA TYR A 11 -1.16 16.51 9.22
C TYR A 11 -1.29 15.03 8.90
N VAL A 12 -0.17 14.31 8.96
CA VAL A 12 -0.18 12.88 8.63
C VAL A 12 -1.24 12.15 9.45
N GLU A 13 -1.30 12.45 10.75
CA GLU A 13 -2.24 11.75 11.61
C GLU A 13 -3.69 11.97 11.19
N THR A 14 -3.98 13.08 10.49
CA THR A 14 -5.33 13.31 10.00
C THR A 14 -5.65 12.39 8.83
N LEU A 15 -4.63 11.82 8.18
CA LEU A 15 -4.83 10.92 7.05
C LEU A 15 -5.12 9.49 7.48
N ARG A 16 -4.77 9.11 8.71
CA ARG A 16 -5.13 7.80 9.22
C ARG A 16 -6.64 7.72 9.43
N VAL A 17 -7.21 6.60 8.99
CA VAL A 17 -8.64 6.35 9.17
C VAL A 17 -8.84 5.65 10.50
N LYS A 18 -9.64 6.26 11.38
CA LYS A 18 -9.88 5.67 12.67
C LYS A 18 -10.98 4.60 12.60
N PRO A 19 -10.96 3.63 13.50
CA PRO A 19 -11.95 2.53 13.41
C PRO A 19 -13.38 3.01 13.40
N LYS A 20 -13.74 3.94 14.29
CA LYS A 20 -15.12 4.38 14.39
C LYS A 20 -15.48 5.45 13.36
N GLN A 21 -14.50 5.96 12.64
CA GLN A 21 -14.69 7.10 11.76
C GLN A 21 -15.62 6.77 10.60
N SER A 22 -16.51 7.70 10.27
CA SER A 22 -17.31 7.64 9.07
C SER A 22 -16.62 8.42 7.95
N ILE A 23 -16.87 8.01 6.71
CA ILE A 23 -16.06 8.43 5.57
C ILE A 23 -16.94 9.05 4.51
N ASP A 24 -16.67 10.31 4.18
CA ASP A 24 -17.24 10.97 3.00
C ASP A 24 -16.08 11.52 2.20
N LEU A 25 -15.77 10.85 1.08
CA LEU A 25 -14.65 11.25 0.24
C LEU A 25 -14.97 12.49 -0.60
N LYS A 26 -16.25 12.80 -0.79
CA LYS A 26 -16.62 14.02 -1.51
C LYS A 26 -16.39 15.25 -0.64
N LYS A 27 -17.00 15.27 0.54
CA LYS A 27 -16.91 16.44 1.40
C LYS A 27 -15.52 16.59 2.01
N ASP A 28 -15.05 15.55 2.68
CA ASP A 28 -13.76 15.58 3.36
C ASP A 28 -12.68 14.95 2.48
N PHE A 29 -11.48 14.86 3.03
CA PHE A 29 -10.33 14.26 2.35
C PHE A 29 -10.03 15.00 1.04
N ASP A 30 -9.44 16.19 1.21
CA ASP A 30 -8.97 16.95 0.06
C ASP A 30 -7.99 16.11 -0.77
N THR A 31 -8.25 16.07 -2.04
CA THR A 31 -7.37 15.34 -2.98
C THR A 31 -6.10 16.15 -3.26
N ASP A 32 -6.07 17.39 -2.83
CA ASP A 32 -4.95 18.26 -2.97
C ASP A 32 -4.87 19.07 -1.68
N TYR A 33 -3.76 19.07 -0.93
CA TYR A 33 -3.63 19.83 0.36
C TYR A 33 -3.20 21.29 0.02
N ASP A 34 -4.07 22.31 0.13
CA ASP A 34 -3.64 23.73 -0.16
C ASP A 34 -2.64 24.13 1.02
N HIS A 35 -3.10 24.00 2.29
CA HIS A 35 -2.23 24.36 3.44
C HIS A 35 -0.88 23.64 3.41
N LYS A 36 -0.38 23.35 2.23
CA LYS A 36 0.93 22.67 2.20
C LYS A 36 2.04 23.40 3.01
N MSE A 37 2.45 22.79 4.13
CA MSE A 37 3.48 23.31 4.99
C MSE A 37 4.94 23.29 4.57
O MSE A 37 5.71 23.54 5.48
CB MSE A 37 3.37 22.43 6.21
CG MSE A 37 3.74 20.98 5.88
SE MSE A 37 2.03 20.05 5.97
CE MSE A 37 2.39 18.93 7.53
N LEU A 38 5.33 22.88 3.36
CA LEU A 38 6.76 22.96 2.87
C LEU A 38 6.81 23.19 1.32
N THR A 39 7.92 23.62 0.69
CA THR A 39 7.95 23.86 -0.78
C THR A 39 8.09 22.54 -1.51
N LYS A 40 7.78 22.52 -2.79
CA LYS A 40 8.05 21.30 -3.55
C LYS A 40 9.52 20.91 -3.49
N GLU A 41 10.40 21.88 -3.28
CA GLU A 41 11.83 21.57 -3.18
C GLU A 41 12.12 20.84 -1.88
N GLU A 42 11.90 21.50 -0.74
CA GLU A 42 11.91 20.86 0.57
C GLU A 42 11.35 19.44 0.51
N GLY A 43 10.18 19.28 -0.13
CA GLY A 43 9.54 17.99 -0.16
C GLY A 43 10.36 16.93 -0.85
N GLU A 44 10.93 17.27 -2.01
CA GLU A 44 11.78 16.32 -2.73
C GLU A 44 13.05 15.99 -1.95
N GLU A 45 13.45 16.85 -1.01
CA GLU A 45 14.58 16.55 -0.15
C GLU A 45 14.18 15.74 1.07
N LEU A 46 13.03 16.04 1.67
CA LEU A 46 12.49 15.17 2.71
C LEU A 46 12.13 13.81 2.13
N LEU A 47 11.71 13.77 0.86
CA LEU A 47 11.46 12.50 0.19
C LEU A 47 12.74 11.67 0.11
N ASN A 48 13.86 12.31 -0.25
CA ASN A 48 15.13 11.58 -0.31
C ASN A 48 15.50 11.00 1.04
N LEU A 49 15.28 11.75 2.12
CA LEU A 49 15.58 11.23 3.45
C LEU A 49 14.68 10.06 3.78
N GLY A 50 13.39 10.15 3.43
CA GLY A 50 12.48 9.05 3.68
C GLY A 50 12.89 7.79 2.95
N ILE A 51 13.48 7.93 1.77
CA ILE A 51 13.92 6.77 1.01
C ILE A 51 15.15 6.14 1.65
N SER A 52 16.11 6.98 2.06
CA SER A 52 17.30 6.47 2.73
C SER A 52 16.94 5.79 4.05
N LYS A 53 16.08 6.43 4.84
CA LYS A 53 15.67 5.83 6.11
C LYS A 53 14.94 4.51 5.88
N LEU A 54 14.06 4.46 4.89
CA LEU A 54 13.33 3.23 4.60
C LEU A 54 14.30 2.12 4.18
N SER A 55 15.33 2.47 3.41
CA SER A 55 16.37 1.50 3.06
C SER A 55 17.07 0.98 4.31
N GLU A 56 17.40 1.88 5.23
CA GLU A 56 18.00 1.47 6.49
C GLU A 56 17.07 0.53 7.26
N ILE A 57 15.80 0.92 7.39
CA ILE A 57 14.82 0.08 8.07
C ILE A 57 14.75 -1.29 7.40
N GLN A 58 14.63 -1.31 6.08
CA GLN A 58 14.55 -2.59 5.37
C GLN A 58 15.77 -3.45 5.66
N GLU A 59 16.96 -2.84 5.69
CA GLU A 59 18.17 -3.59 6.01
C GLU A 59 18.06 -4.21 7.40
N LYS A 60 17.64 -3.42 8.39
CA LYS A 60 17.53 -3.94 9.75
C LYS A 60 16.42 -4.97 9.85
N LEU A 61 15.34 -4.79 9.10
CA LEU A 61 14.26 -5.77 9.09
C LEU A 61 14.75 -7.10 8.53
N TYR A 62 15.50 -7.05 7.43
CA TYR A 62 15.95 -8.28 6.80
C TYR A 62 16.94 -9.03 7.69
N ALA A 63 17.80 -8.29 8.42
CA ALA A 63 18.78 -8.95 9.26
C ALA A 63 18.14 -9.61 10.46
N SER A 64 17.10 -9.01 11.03
CA SER A 64 16.31 -9.69 12.04
CA SER A 64 16.28 -9.66 12.04
C SER A 64 15.34 -10.66 11.38
N GLY A 65 14.96 -11.67 12.15
CA GLY A 65 14.02 -12.68 11.67
C GLY A 65 12.62 -12.53 12.21
N THR A 66 12.27 -11.37 12.76
CA THR A 66 11.08 -11.23 13.59
C THR A 66 9.83 -10.93 12.77
N LYS A 67 9.81 -9.79 12.09
CA LYS A 67 8.59 -9.25 11.49
C LYS A 67 8.64 -9.27 9.97
N SER A 68 7.46 -9.35 9.37
CA SER A 68 7.25 -9.05 7.96
C SER A 68 6.43 -7.77 7.87
N VAL A 69 6.42 -7.18 6.67
CA VAL A 69 5.71 -5.94 6.42
C VAL A 69 4.90 -6.11 5.15
N LEU A 70 3.59 -5.86 5.23
CA LEU A 70 2.70 -5.89 4.09
C LEU A 70 2.19 -4.47 3.84
N ILE A 71 2.41 -3.97 2.63
CA ILE A 71 1.98 -2.63 2.24
C ILE A 71 1.01 -2.76 1.09
N VAL A 72 -0.21 -2.25 1.28
CA VAL A 72 -1.28 -2.33 0.30
C VAL A 72 -1.47 -0.97 -0.34
N PHE A 73 -1.65 -0.97 -1.66
CA PHE A 73 -1.95 0.24 -2.42
C PHE A 73 -3.23 0.01 -3.23
N GLN A 74 -4.19 0.91 -3.05
CA GLN A 74 -5.43 0.92 -3.82
C GLN A 74 -5.69 2.34 -4.31
N ALA A 75 -6.29 2.46 -5.49
CA ALA A 75 -6.54 3.78 -6.04
C ALA A 75 -7.30 3.63 -7.35
N MSE A 76 -7.98 4.71 -7.73
CA MSE A 76 -8.56 4.81 -9.07
C MSE A 76 -7.44 4.93 -10.08
O MSE A 76 -6.33 5.35 -9.76
CB MSE A 76 -9.49 6.03 -9.15
CG MSE A 76 -10.63 6.00 -8.16
SE MSE A 76 -11.89 4.57 -8.54
CE MSE A 76 -12.77 5.32 -10.11
H MSE A 76 -8.11 5.40 -7.24
HA MSE A 76 -9.09 4.02 -9.25
HB2 MSE A 76 -8.97 6.83 -8.98
HB3 MSE A 76 -9.87 6.06 -10.04
HG2 MSE A 76 -10.28 5.86 -7.27
HG3 MSE A 76 -11.11 6.84 -8.21
HE1 MSE A 76 -13.44 4.70 -10.42
HE2 MSE A 76 -13.17 6.17 -9.88
HE3 MSE A 76 -12.10 5.46 -10.80
N ASP A 77 -7.73 4.56 -11.34
CA ASP A 77 -6.74 4.66 -12.39
C ASP A 77 -6.17 6.07 -12.47
N ALA A 78 -4.86 6.16 -12.72
CA ALA A 78 -4.13 7.41 -12.92
C ALA A 78 -3.89 8.18 -11.63
N ALA A 79 -4.09 7.56 -10.46
CA ALA A 79 -3.87 8.27 -9.20
C ALA A 79 -2.40 8.39 -8.85
N GLY A 80 -1.52 7.63 -9.51
CA GLY A 80 -0.11 7.61 -9.19
C GLY A 80 0.36 6.37 -8.47
N LYS A 81 -0.38 5.27 -8.56
CA LYS A 81 -0.07 4.07 -7.78
C LYS A 81 1.21 3.40 -8.27
N ASP A 82 1.28 3.10 -9.57
CA ASP A 82 2.47 2.46 -10.12
C ASP A 82 3.72 3.30 -9.86
N GLY A 83 3.61 4.62 -9.96
CA GLY A 83 4.79 5.46 -9.76
C GLY A 83 5.21 5.53 -8.31
N THR A 84 4.26 5.61 -7.38
CA THR A 84 4.59 5.54 -5.97
C THR A 84 5.30 4.23 -5.65
N VAL A 85 4.80 3.12 -6.19
CA VAL A 85 5.44 1.83 -5.95
C VAL A 85 6.87 1.85 -6.50
N LYS A 86 7.03 2.31 -7.74
CA LYS A 86 8.35 2.33 -8.35
C LYS A 86 9.32 3.16 -7.52
N HIS A 87 8.84 4.28 -6.97
CA HIS A 87 9.74 5.17 -6.24
C HIS A 87 10.10 4.62 -4.87
N ILE A 88 9.12 4.10 -4.13
CA ILE A 88 9.42 3.35 -2.92
C ILE A 88 10.53 2.35 -3.19
N MSE A 89 10.47 1.69 -4.34
CA MSE A 89 11.38 0.61 -4.67
C MSE A 89 12.81 1.04 -4.93
O MSE A 89 13.75 0.33 -4.55
CB MSE A 89 10.86 -0.11 -5.90
CG MSE A 89 11.06 -1.59 -5.80
SE MSE A 89 9.70 -2.45 -4.75
CE MSE A 89 10.34 -4.26 -5.01
H MSE A 89 9.90 1.87 -4.96
HA MSE A 89 11.38 -0.02 -3.94
HB2 MSE A 89 9.91 0.05 -5.99
HB3 MSE A 89 11.33 0.21 -6.68
HG2 MSE A 89 11.04 -1.97 -6.70
HG3 MSE A 89 11.92 -1.76 -5.39
HE1 MSE A 89 9.76 -4.87 -4.54
HE2 MSE A 89 10.34 -4.47 -5.96
HE3 MSE A 89 11.24 -4.33 -4.67
N THR A 90 12.98 2.19 -5.59
CA THR A 90 14.32 2.62 -6.01
C THR A 90 15.31 2.54 -4.85
N GLY A 91 14.85 2.83 -3.64
CA GLY A 91 15.70 2.83 -2.47
C GLY A 91 15.70 1.55 -1.67
N LEU A 92 15.15 0.46 -2.19
CA LEU A 92 15.10 -0.80 -1.46
C LEU A 92 15.95 -1.87 -2.14
N ASN A 93 16.46 -2.78 -1.34
CA ASN A 93 17.20 -3.93 -1.84
C ASN A 93 16.22 -4.98 -2.36
N PRO A 94 16.36 -5.44 -3.60
CA PRO A 94 15.37 -6.41 -4.14
C PRO A 94 15.39 -7.74 -3.43
N GLN A 95 16.41 -8.05 -2.64
CA GLN A 95 16.46 -9.34 -1.96
C GLN A 95 15.43 -9.44 -0.85
N GLY A 96 14.98 -8.31 -0.30
CA GLY A 96 14.09 -8.31 0.83
C GLY A 96 12.76 -7.61 0.60
N VAL A 97 12.40 -7.38 -0.67
CA VAL A 97 11.12 -6.76 -0.99
C VAL A 97 10.57 -7.41 -2.25
N LYS A 98 9.24 -7.46 -2.34
CA LYS A 98 8.56 -8.20 -3.38
C LYS A 98 7.26 -7.49 -3.72
N VAL A 99 7.10 -7.07 -4.97
CA VAL A 99 5.88 -6.44 -5.45
C VAL A 99 5.03 -7.50 -6.13
N THR A 100 3.74 -7.52 -5.78
CA THR A 100 2.77 -8.37 -6.45
C THR A 100 1.66 -7.47 -6.98
N SER A 101 1.49 -7.47 -8.31
CA SER A 101 0.43 -6.69 -8.96
C SER A 101 -0.67 -7.67 -9.31
N PHE A 102 -1.75 -7.66 -8.53
CA PHE A 102 -2.83 -8.62 -8.69
C PHE A 102 -3.75 -8.19 -9.82
N LYS A 103 -3.52 -8.73 -11.01
CA LYS A 103 -4.37 -8.49 -12.16
C LYS A 103 -5.63 -9.35 -12.04
N VAL A 104 -6.34 -9.53 -13.15
CA VAL A 104 -7.55 -10.37 -13.10
C VAL A 104 -7.16 -11.80 -12.74
N PRO A 105 -7.91 -12.49 -11.88
CA PRO A 105 -7.45 -13.81 -11.42
C PRO A 105 -7.37 -14.84 -12.54
N SER A 106 -6.42 -15.76 -12.38
CA SER A 106 -6.26 -16.86 -13.29
C SER A 106 -7.37 -17.89 -13.06
N LYS A 107 -7.41 -18.89 -13.96
CA LYS A 107 -8.36 -19.98 -13.79
C LYS A 107 -8.13 -20.71 -12.47
N ILE A 108 -6.86 -21.00 -12.16
CA ILE A 108 -6.54 -21.66 -10.90
C ILE A 108 -6.97 -20.79 -9.72
N GLU A 109 -6.55 -19.52 -9.73
CA GLU A 109 -6.91 -18.63 -8.62
C GLU A 109 -8.42 -18.52 -8.47
N LEU A 110 -9.16 -18.55 -9.58
CA LEU A 110 -10.62 -18.56 -9.50
C LEU A 110 -11.17 -19.84 -8.90
N SER A 111 -10.38 -20.92 -8.88
CA SER A 111 -10.79 -22.17 -8.24
C SER A 111 -10.55 -22.16 -6.73
N HIS A 112 -10.13 -21.03 -6.17
CA HIS A 112 -9.94 -20.86 -4.74
C HIS A 112 -10.70 -19.64 -4.27
N ASP A 113 -10.89 -19.56 -2.94
CA ASP A 113 -11.50 -18.38 -2.36
C ASP A 113 -10.69 -17.14 -2.74
N TYR A 114 -11.37 -15.98 -2.71
CA TYR A 114 -10.76 -14.76 -3.22
C TYR A 114 -9.53 -14.32 -2.42
N LEU A 115 -9.37 -14.83 -1.18
CA LEU A 115 -8.20 -14.49 -0.38
C LEU A 115 -6.99 -15.38 -0.68
N TRP A 116 -7.21 -16.56 -1.24
CA TRP A 116 -6.15 -17.56 -1.36
C TRP A 116 -4.90 -16.98 -2.01
N ARG A 117 -5.04 -16.38 -3.17
CA ARG A 117 -3.86 -15.93 -3.90
C ARG A 117 -3.13 -14.82 -3.16
N HIS A 118 -3.82 -14.07 -2.31
CA HIS A 118 -3.13 -13.04 -1.53
C HIS A 118 -2.43 -13.66 -0.33
N TYR A 119 -3.05 -14.67 0.30
CA TYR A 119 -2.37 -15.40 1.36
C TYR A 119 -1.10 -16.06 0.85
N VAL A 120 -1.15 -16.63 -0.36
CA VAL A 120 0.01 -17.28 -0.94
C VAL A 120 1.16 -16.30 -1.08
N ALA A 121 0.86 -15.04 -1.41
CA ALA A 121 1.87 -14.05 -1.74
C ALA A 121 2.31 -13.23 -0.54
N LEU A 122 1.95 -13.64 0.68
CA LEU A 122 2.32 -12.84 1.85
C LEU A 122 3.83 -12.80 2.02
N PRO A 123 4.36 -11.75 2.63
CA PRO A 123 5.81 -11.67 2.85
C PRO A 123 6.26 -12.60 3.97
N ALA A 124 7.44 -13.19 3.78
CA ALA A 124 8.07 -13.98 4.82
C ALA A 124 8.75 -13.06 5.83
N THR A 125 9.07 -13.64 7.00
CA THR A 125 9.78 -12.90 8.03
C THR A 125 10.98 -12.17 7.44
N GLY A 126 11.19 -10.93 7.90
CA GLY A 126 12.27 -10.10 7.42
C GLY A 126 12.04 -9.44 6.08
N GLU A 127 10.92 -9.72 5.41
CA GLU A 127 10.66 -9.23 4.06
C GLU A 127 9.56 -8.16 4.07
N ILE A 128 9.56 -7.36 3.02
CA ILE A 128 8.50 -6.40 2.73
C ILE A 128 7.74 -6.91 1.52
N GLY A 129 6.41 -7.00 1.66
CA GLY A 129 5.53 -7.32 0.55
C GLY A 129 4.69 -6.10 0.18
N ILE A 130 4.70 -5.75 -1.09
CA ILE A 130 3.93 -4.63 -1.62
C ILE A 130 2.85 -5.20 -2.52
N PHE A 131 1.58 -5.01 -2.14
CA PHE A 131 0.44 -5.42 -2.95
C PHE A 131 -0.03 -4.21 -3.75
N ASN A 132 0.40 -4.14 -5.01
CA ASN A 132 -0.10 -3.14 -5.95
C ASN A 132 -1.41 -3.68 -6.51
N ARG A 133 -2.53 -3.17 -5.99
CA ARG A 133 -3.81 -3.88 -5.97
C ARG A 133 -3.70 -5.02 -4.97
N SER A 134 -4.82 -5.45 -4.41
CA SER A 134 -4.79 -6.32 -3.24
C SER A 134 -6.10 -7.08 -3.13
N HIS A 135 -6.26 -7.80 -2.03
CA HIS A 135 -7.52 -8.48 -1.73
C HIS A 135 -8.69 -7.50 -1.67
N TYR A 136 -8.42 -6.20 -1.55
CA TYR A 136 -9.51 -5.23 -1.45
C TYR A 136 -10.19 -4.99 -2.79
N GLU A 137 -9.55 -5.38 -3.90
CA GLU A 137 -10.24 -5.35 -5.19
C GLU A 137 -11.58 -6.08 -5.10
N ASN A 138 -11.68 -7.08 -4.23
CA ASN A 138 -12.85 -7.94 -4.13
C ASN A 138 -14.00 -7.30 -3.36
N VAL A 139 -13.85 -6.06 -2.89
CA VAL A 139 -14.97 -5.27 -2.38
C VAL A 139 -14.99 -3.92 -3.08
N LEU A 140 -14.32 -3.83 -4.24
CA LEU A 140 -14.25 -2.58 -5.00
C LEU A 140 -14.71 -2.82 -6.43
N VAL A 141 -13.83 -3.29 -7.31
CA VAL A 141 -14.24 -3.59 -8.68
C VAL A 141 -15.35 -4.63 -8.67
N THR A 142 -15.26 -5.63 -7.78
CA THR A 142 -16.30 -6.64 -7.69
C THR A 142 -17.62 -6.03 -7.22
N ARG A 143 -17.56 -5.00 -6.39
CA ARG A 143 -18.78 -4.37 -5.89
C ARG A 143 -19.41 -3.47 -6.95
N VAL A 144 -18.59 -2.79 -7.75
CA VAL A 144 -19.12 -1.99 -8.85
C VAL A 144 -19.66 -2.88 -9.96
N HIS A 145 -19.07 -4.05 -10.15
CA HIS A 145 -19.46 -5.00 -11.18
C HIS A 145 -19.92 -6.31 -10.53
N PRO A 146 -20.99 -6.27 -9.74
CA PRO A 146 -21.38 -7.45 -8.97
C PRO A 146 -21.69 -8.68 -9.81
N GLU A 147 -21.88 -8.54 -11.13
CA GLU A 147 -22.13 -9.70 -11.96
C GLU A 147 -20.89 -10.59 -12.09
N TYR A 148 -19.70 -10.06 -11.78
CA TYR A 148 -18.50 -10.89 -11.78
C TYR A 148 -18.63 -12.04 -10.78
N LEU A 149 -19.29 -11.79 -9.65
CA LEU A 149 -19.42 -12.83 -8.63
C LEU A 149 -20.09 -14.08 -9.16
N LEU A 150 -20.97 -13.94 -10.16
CA LEU A 150 -21.60 -15.11 -10.76
C LEU A 150 -20.57 -16.02 -11.41
N SER A 151 -19.51 -15.45 -11.97
CA SER A 151 -18.46 -16.24 -12.60
C SER A 151 -17.49 -16.83 -11.59
N GLU A 152 -17.51 -16.36 -10.34
CA GLU A 152 -16.57 -16.83 -9.33
C GLU A 152 -17.20 -18.02 -8.61
N GLN A 153 -16.62 -19.20 -8.82
CA GLN A 153 -17.23 -20.44 -8.35
C GLN A 153 -17.27 -20.52 -6.84
N THR A 154 -16.34 -19.86 -6.15
CA THR A 154 -16.27 -19.93 -4.70
C THR A 154 -17.09 -18.86 -4.00
N SER A 155 -17.67 -17.92 -4.74
CA SER A 155 -18.37 -16.80 -4.11
C SER A 155 -19.67 -17.25 -3.45
N GLY A 156 -20.28 -18.32 -3.94
CA GLY A 156 -21.57 -18.73 -3.45
C GLY A 156 -22.68 -17.75 -3.81
N VAL A 157 -22.55 -17.08 -4.95
CA VAL A 157 -23.50 -16.08 -5.40
C VAL A 157 -24.05 -16.56 -6.74
N THR A 158 -25.35 -16.89 -6.77
CA THR A 158 -26.01 -17.38 -7.97
C THR A 158 -26.85 -16.32 -8.65
N ALA A 159 -27.54 -15.48 -7.88
CA ALA A 159 -28.40 -14.43 -8.39
C ALA A 159 -27.88 -13.09 -7.91
N ILE A 160 -27.80 -12.10 -8.81
CA ILE A 160 -27.40 -10.78 -8.36
C ILE A 160 -28.31 -10.28 -7.22
N GLU A 161 -29.53 -10.83 -7.10
CA GLU A 161 -30.42 -10.45 -6.00
C GLU A 161 -29.77 -10.61 -4.63
N GLN A 162 -28.87 -11.59 -4.47
CA GLN A 162 -28.34 -11.90 -3.15
C GLN A 162 -27.11 -11.06 -2.78
N VAL A 163 -26.64 -10.20 -3.68
CA VAL A 163 -25.57 -9.28 -3.35
C VAL A 163 -26.19 -8.04 -2.69
N ASN A 164 -25.97 -7.89 -1.39
CA ASN A 164 -26.48 -6.75 -0.64
C ASN A 164 -25.46 -6.34 0.40
N GLN A 165 -25.81 -5.35 1.22
CA GLN A 165 -24.88 -4.83 2.21
C GLN A 165 -24.37 -5.92 3.14
N LYS A 166 -25.20 -6.91 3.44
CA LYS A 166 -24.77 -7.96 4.35
C LYS A 166 -23.70 -8.86 3.71
N PHE A 167 -23.76 -9.03 2.39
CA PHE A 167 -22.70 -9.74 1.69
C PHE A 167 -21.36 -9.02 1.85
N TRP A 168 -21.38 -7.69 1.73
CA TRP A 168 -20.17 -6.91 1.88
C TRP A 168 -19.72 -6.86 3.34
N ASP A 169 -20.68 -6.74 4.27
CA ASP A 169 -20.32 -6.81 5.69
C ASP A 169 -19.59 -8.10 6.00
N LYS A 170 -20.07 -9.23 5.46
CA LYS A 170 -19.40 -10.49 5.71
C LYS A 170 -18.01 -10.52 5.07
N ARG A 171 -17.84 -9.84 3.93
CA ARG A 171 -16.54 -9.82 3.28
C ARG A 171 -15.56 -8.93 4.04
N PHE A 172 -16.03 -7.79 4.56
CA PHE A 172 -15.21 -6.97 5.43
C PHE A 172 -14.75 -7.78 6.64
N GLN A 173 -15.65 -8.55 7.23
CA GLN A 173 -15.30 -9.38 8.38
C GLN A 173 -14.21 -10.39 7.99
N GLN A 174 -14.40 -11.07 6.85
CA GLN A 174 -13.40 -12.02 6.40
C GLN A 174 -12.05 -11.35 6.20
N ILE A 175 -12.04 -10.17 5.55
CA ILE A 175 -10.80 -9.44 5.35
C ILE A 175 -10.19 -9.04 6.69
N ASN A 176 -11.01 -8.60 7.64
CA ASN A 176 -10.50 -8.17 8.94
C ASN A 176 -9.92 -9.33 9.73
N ASN A 177 -10.59 -10.49 9.71
CA ASN A 177 -10.05 -11.65 10.40
C ASN A 177 -8.72 -12.07 9.79
N PHE A 178 -8.61 -11.95 8.46
CA PHE A 178 -7.37 -12.32 7.78
C PHE A 178 -6.24 -11.39 8.18
N GLU A 179 -6.47 -10.07 8.13
CA GLU A 179 -5.42 -9.13 8.49
C GLU A 179 -5.10 -9.19 9.98
N GLN A 180 -6.09 -9.45 10.83
CA GLN A 180 -5.81 -9.59 12.25
C GLN A 180 -4.94 -10.81 12.52
N HIS A 181 -5.24 -11.93 11.85
CA HIS A 181 -4.45 -13.14 12.08
C HIS A 181 -2.99 -12.92 11.71
N ILE A 182 -2.71 -12.34 10.55
CA ILE A 182 -1.33 -12.15 10.15
C ILE A 182 -0.66 -11.09 11.01
N SER A 183 -1.42 -10.09 11.46
CA SER A 183 -0.88 -9.11 12.39
C SER A 183 -0.49 -9.76 13.71
N GLU A 184 -1.29 -10.71 14.18
CA GLU A 184 -0.98 -11.44 15.40
C GLU A 184 0.13 -12.45 15.20
N ASN A 185 0.65 -12.59 13.98
CA ASN A 185 1.70 -13.55 13.67
C ASN A 185 2.83 -12.87 12.91
N GLY A 186 3.16 -11.64 13.30
CA GLY A 186 4.41 -11.01 12.90
C GLY A 186 4.35 -10.11 11.69
N THR A 187 3.19 -9.87 11.11
CA THR A 187 3.06 -9.06 9.90
C THR A 187 2.55 -7.68 10.26
N ILE A 188 3.32 -6.65 9.88
CA ILE A 188 2.88 -5.26 10.00
C ILE A 188 2.12 -4.90 8.73
N VAL A 189 0.85 -4.52 8.87
CA VAL A 189 -0.01 -4.22 7.74
C VAL A 189 -0.22 -2.71 7.65
N LEU A 190 0.08 -2.14 6.49
CA LEU A 190 -0.13 -0.74 6.21
C LEU A 190 -0.85 -0.62 4.88
N LYS A 191 -1.94 0.14 4.84
CA LYS A 191 -2.80 0.22 3.68
C LYS A 191 -3.00 1.67 3.27
N PHE A 192 -2.72 1.98 2.01
CA PHE A 192 -2.80 3.34 1.48
C PHE A 192 -3.83 3.37 0.35
N PHE A 193 -4.81 4.24 0.50
CA PHE A 193 -5.70 4.61 -0.60
C PHE A 193 -5.23 5.95 -1.15
N LEU A 194 -4.78 5.95 -2.41
CA LEU A 194 -4.34 7.17 -3.07
C LEU A 194 -5.58 7.84 -3.66
N HIS A 195 -5.94 9.01 -3.14
CA HIS A 195 -7.21 9.66 -3.42
C HIS A 195 -6.98 10.75 -4.46
N VAL A 196 -7.32 10.46 -5.71
CA VAL A 196 -7.21 11.43 -6.81
C VAL A 196 -8.59 11.98 -7.11
N SER A 197 -8.65 13.26 -7.48
CA SER A 197 -9.93 13.87 -7.84
C SER A 197 -10.36 13.42 -9.23
N LYS A 198 -11.67 13.25 -9.40
CA LYS A 198 -12.23 13.01 -10.72
C LYS A 198 -11.69 14.00 -11.74
N LYS A 199 -11.50 15.24 -11.32
CA LYS A 199 -10.98 16.28 -12.21
C LYS A 199 -9.53 15.98 -12.58
N GLU A 200 -8.70 15.61 -11.61
CA GLU A 200 -7.30 15.35 -11.90
C GLU A 200 -7.12 14.09 -12.73
N GLN A 201 -7.95 13.07 -12.50
CA GLN A 201 -7.89 11.88 -13.34
C GLN A 201 -8.15 12.25 -14.80
N LYS A 202 -9.22 12.99 -15.06
CA LYS A 202 -9.48 13.55 -16.38
C LYS A 202 -8.22 14.15 -16.99
N LYS A 203 -7.58 15.06 -16.25
CA LYS A 203 -6.39 15.74 -16.75
C LYS A 203 -5.29 14.74 -17.11
N ARG A 204 -5.07 13.75 -16.26
CA ARG A 204 -3.99 12.79 -16.51
C ARG A 204 -4.34 11.85 -17.65
N PHE A 205 -5.61 11.44 -17.74
CA PHE A 205 -6.06 10.66 -18.89
C PHE A 205 -5.77 11.40 -20.20
N ILE A 206 -6.22 12.65 -20.28
CA ILE A 206 -6.03 13.43 -21.50
C ILE A 206 -4.55 13.66 -21.77
N GLU A 207 -3.79 14.01 -20.72
CA GLU A 207 -2.35 14.19 -20.89
C GLU A 207 -1.71 12.97 -21.53
N ARG A 208 -2.11 11.76 -21.11
CA ARG A 208 -1.53 10.56 -21.69
C ARG A 208 -1.99 10.36 -23.12
N ILE A 209 -3.28 10.59 -23.41
CA ILE A 209 -3.78 10.41 -24.76
C ILE A 209 -3.03 11.30 -25.74
N GLU A 210 -2.57 12.47 -25.29
CA GLU A 210 -1.91 13.44 -26.15
C GLU A 210 -0.39 13.30 -26.16
N LEU A 211 0.16 12.31 -25.48
CA LEU A 211 1.59 12.04 -25.49
C LEU A 211 1.86 10.87 -26.44
N ASP A 212 2.47 11.16 -27.58
CA ASP A 212 2.78 10.10 -28.53
C ASP A 212 3.66 9.03 -27.90
N THR A 213 4.65 9.43 -27.11
CA THR A 213 5.56 8.47 -26.48
C THR A 213 4.84 7.50 -25.56
N LYS A 214 3.63 7.85 -25.07
CA LYS A 214 2.99 7.07 -24.04
C LYS A 214 1.53 6.69 -24.31
N ASN A 215 0.89 7.21 -25.37
CA ASN A 215 -0.52 6.89 -25.57
C ASN A 215 -0.73 5.48 -26.10
N TRP A 216 0.32 4.76 -26.48
CA TRP A 216 0.17 3.34 -26.78
C TRP A 216 -0.27 2.55 -25.54
N LYS A 217 -0.07 3.11 -24.35
CA LYS A 217 -0.42 2.44 -23.09
C LYS A 217 -1.84 2.73 -22.63
N PHE A 218 -2.54 3.66 -23.25
CA PHE A 218 -3.84 4.07 -22.74
C PHE A 218 -4.84 2.93 -22.88
N SER A 219 -5.51 2.60 -21.77
CA SER A 219 -6.57 1.61 -21.76
C SER A 219 -7.90 2.35 -21.81
N THR A 220 -8.58 2.29 -22.94
CA THR A 220 -9.88 2.93 -23.05
C THR A 220 -10.89 2.29 -22.11
N GLY A 221 -10.65 1.06 -21.65
CA GLY A 221 -11.47 0.47 -20.62
C GLY A 221 -11.44 1.23 -19.32
N ASP A 222 -10.38 2.00 -19.07
CA ASP A 222 -10.33 2.84 -17.89
C ASP A 222 -11.50 3.82 -17.87
N LEU A 223 -11.97 4.23 -19.04
CA LEU A 223 -13.11 5.14 -19.09
C LEU A 223 -14.36 4.48 -18.53
N LYS A 224 -14.56 3.19 -18.82
CA LYS A 224 -15.72 2.49 -18.29
C LYS A 224 -15.74 2.55 -16.77
N GLU A 225 -14.57 2.44 -16.14
CA GLU A 225 -14.49 2.54 -14.69
C GLU A 225 -14.65 3.97 -14.21
N ARG A 226 -14.17 4.94 -15.00
CA ARG A 226 -14.41 6.34 -14.66
C ARG A 226 -15.90 6.65 -14.65
N ALA A 227 -16.66 6.05 -15.58
CA ALA A 227 -18.10 6.27 -15.61
C ALA A 227 -18.77 5.75 -14.36
N HIS A 228 -18.17 4.77 -13.69
CA HIS A 228 -18.65 4.28 -12.40
C HIS A 228 -18.00 4.99 -11.23
N TRP A 229 -17.60 6.26 -11.40
CA TRP A 229 -16.90 6.97 -10.33
C TRP A 229 -17.69 6.94 -9.02
N LYS A 230 -18.96 7.33 -9.08
CA LYS A 230 -19.77 7.35 -7.86
C LYS A 230 -19.85 5.97 -7.23
N ASP A 231 -20.04 4.93 -8.05
CA ASP A 231 -20.08 3.57 -7.52
C ASP A 231 -18.80 3.22 -6.78
N TYR A 232 -17.65 3.63 -7.32
CA TYR A 232 -16.38 3.32 -6.69
C TYR A 232 -16.20 4.09 -5.38
N ARG A 233 -16.54 5.39 -5.38
CA ARG A 233 -16.43 6.16 -4.15
C ARG A 233 -17.24 5.54 -3.03
N ASN A 234 -18.47 5.10 -3.34
CA ASN A 234 -19.29 4.44 -2.34
C ASN A 234 -18.60 3.18 -1.82
N ALA A 235 -18.06 2.36 -2.72
CA ALA A 235 -17.38 1.15 -2.30
C ALA A 235 -16.15 1.46 -1.46
N TYR A 236 -15.36 2.44 -1.87
CA TYR A 236 -14.21 2.85 -1.06
C TYR A 236 -14.65 3.39 0.29
N GLU A 237 -15.71 4.20 0.31
CA GLU A 237 -16.17 4.78 1.57
C GLU A 237 -16.62 3.69 2.54
N ASP A 238 -17.51 2.80 2.09
CA ASP A 238 -17.96 1.72 2.96
C ASP A 238 -16.81 0.81 3.38
N MSE A 239 -15.79 0.70 2.53
CA MSE A 239 -14.67 -0.17 2.79
C MSE A 239 -13.72 0.47 3.81
O MSE A 239 -13.29 -0.19 4.76
CB MSE A 239 -13.93 -0.47 1.48
CG MSE A 239 -12.77 -1.43 1.64
SE MSE A 239 -11.11 -0.47 1.96
CE MSE A 239 -10.69 0.03 0.14
H MSE A 239 -15.73 1.12 1.78
HA MSE A 239 -14.99 -1.01 3.15
HB2 MSE A 239 -14.56 -0.87 0.87
HB3 MSE A 239 -13.59 0.36 1.13
HG2 MSE A 239 -12.94 -2.02 2.39
HG3 MSE A 239 -12.67 -1.93 0.82
HE1 MSE A 239 -9.86 0.53 0.13
HE2 MSE A 239 -10.60 -0.77 -0.40
HE3 MSE A 239 -11.41 0.58 -0.22
N LEU A 240 -13.42 1.75 3.62
CA LEU A 240 -12.57 2.46 4.57
C LEU A 240 -13.20 2.53 5.94
N ALA A 241 -14.54 2.66 6.00
CA ALA A 241 -15.24 2.78 7.26
C ALA A 241 -15.30 1.47 8.02
N ASN A 242 -15.00 0.34 7.38
CA ASN A 242 -15.21 -0.96 7.99
C ASN A 242 -13.97 -1.85 8.06
N THR A 243 -12.83 -1.43 7.49
CA THR A 243 -11.65 -2.27 7.49
C THR A 243 -10.39 -1.52 7.93
N SER A 244 -10.53 -0.38 8.58
CA SER A 244 -9.41 0.30 9.21
C SER A 244 -9.45 0.03 10.71
N THR A 245 -8.45 -0.67 11.21
CA THR A 245 -8.25 -0.86 12.64
C THR A 245 -6.97 -0.16 13.06
N LYS A 246 -6.78 -0.05 14.39
CA LYS A 246 -5.52 0.48 14.88
C LYS A 246 -4.36 -0.44 14.50
N GLN A 247 -4.62 -1.74 14.48
CA GLN A 247 -3.63 -2.75 14.13
C GLN A 247 -3.29 -2.74 12.64
N ALA A 248 -4.32 -2.61 11.81
CA ALA A 248 -4.16 -2.59 10.36
C ALA A 248 -4.85 -1.35 9.79
N PRO A 249 -4.19 -0.19 9.89
CA PRO A 249 -4.85 1.07 9.52
C PRO A 249 -4.85 1.38 8.02
N TRP A 250 -5.91 2.06 7.58
CA TRP A 250 -5.94 2.71 6.28
C TRP A 250 -5.45 4.15 6.42
N PHE A 251 -4.74 4.62 5.41
CA PHE A 251 -4.43 6.03 5.26
C PHE A 251 -4.97 6.50 3.92
N VAL A 252 -5.60 7.67 3.92
CA VAL A 252 -6.12 8.28 2.70
C VAL A 252 -5.16 9.40 2.31
N ILE A 253 -4.48 9.22 1.18
CA ILE A 253 -3.39 10.11 0.76
C ILE A 253 -3.92 10.99 -0.36
N PRO A 254 -3.74 12.31 -0.29
CA PRO A 254 -4.09 13.15 -1.45
C PRO A 254 -3.15 12.84 -2.62
N ALA A 255 -3.76 12.56 -3.78
CA ALA A 255 -3.03 12.03 -4.93
C ALA A 255 -2.83 13.04 -6.06
N ASP A 256 -3.42 14.23 -5.99
CA ASP A 256 -3.36 15.14 -7.14
C ASP A 256 -1.99 15.76 -7.34
N ASP A 257 -1.13 15.76 -6.32
CA ASP A 257 0.26 16.20 -6.45
C ASP A 257 1.16 15.01 -6.14
N LYS A 258 1.79 14.47 -7.18
CA LYS A 258 2.52 13.21 -7.04
C LYS A 258 3.66 13.34 -6.04
N TRP A 259 4.47 14.39 -6.17
CA TRP A 259 5.62 14.55 -5.28
C TRP A 259 5.18 14.55 -3.82
N PHE A 260 4.01 15.13 -3.54
CA PHE A 260 3.49 15.18 -2.18
C PHE A 260 2.93 13.83 -1.76
N THR A 261 2.21 13.15 -2.66
CA THR A 261 1.77 11.79 -2.40
C THR A 261 2.93 10.89 -1.97
N ARG A 262 4.02 10.93 -2.73
CA ARG A 262 5.18 10.11 -2.43
C ARG A 262 5.78 10.48 -1.07
N LEU A 263 5.99 11.78 -0.83
CA LEU A 263 6.50 12.22 0.46
C LEU A 263 5.69 11.63 1.61
N LEU A 264 4.36 11.74 1.52
CA LEU A 264 3.51 11.31 2.62
C LEU A 264 3.62 9.82 2.87
N ILE A 265 3.58 9.01 1.81
CA ILE A 265 3.61 7.57 1.97
C ILE A 265 4.97 7.13 2.51
N ALA A 266 6.07 7.67 1.94
CA ALA A 266 7.38 7.42 2.52
C ALA A 266 7.43 7.86 3.97
N GLU A 267 6.82 8.97 4.24
CA GLU A 267 6.76 9.45 5.56
C GLU A 267 6.09 8.52 6.51
N ILE A 268 4.91 8.05 6.14
CA ILE A 268 4.09 7.22 7.01
C ILE A 268 4.74 5.85 7.22
N ILE A 269 5.29 5.26 6.16
CA ILE A 269 5.93 3.95 6.28
C ILE A 269 7.09 4.02 7.28
N CYS A 270 7.97 5.01 7.10
CA CYS A 270 9.07 5.19 8.05
C CYS A 270 8.54 5.36 9.47
N THR A 271 7.60 6.28 9.66
CA THR A 271 7.08 6.55 11.00
C THR A 271 6.48 5.30 11.62
N GLU A 272 5.77 4.50 10.84
CA GLU A 272 5.10 3.33 11.40
C GLU A 272 6.12 2.22 11.70
N LEU A 273 7.09 2.01 10.81
CA LEU A 273 8.08 0.97 11.05
C LEU A 273 9.12 1.37 12.09
N GLU A 274 9.29 2.66 12.34
CA GLU A 274 10.14 3.10 13.43
C GLU A 274 9.62 2.67 14.79
N LYS A 275 8.32 2.38 14.90
CA LYS A 275 7.76 1.85 16.15
C LYS A 275 8.31 0.48 16.49
N LEU A 276 8.87 -0.23 15.50
CA LEU A 276 9.44 -1.55 15.77
C LEU A 276 10.76 -1.45 16.51
N ASN A 277 11.38 -0.26 16.56
CA ASN A 277 12.65 -0.06 17.23
C ASN A 277 13.69 -1.08 16.75
N LEU A 278 13.76 -1.24 15.43
CA LEU A 278 14.73 -2.14 14.84
C LEU A 278 16.14 -1.59 14.99
N THR A 279 17.09 -2.48 15.21
CA THR A 279 18.49 -2.11 15.35
C THR A 279 19.34 -3.11 14.58
N PHE A 280 20.47 -2.66 14.06
CA PHE A 280 21.39 -3.57 13.41
C PHE A 280 21.95 -4.55 14.44
N PRO A 281 22.31 -5.76 14.04
CA PRO A 281 22.94 -6.69 14.99
C PRO A 281 24.23 -6.13 15.54
N THR A 282 24.44 -6.31 16.83
CA THR A 282 25.64 -5.84 17.48
C THR A 282 26.70 -6.94 17.51
N VAL A 283 27.96 -6.52 17.55
CA VAL A 283 29.08 -7.45 17.51
C VAL A 283 29.52 -7.73 18.94
N SER A 284 29.33 -8.97 19.38
CA SER A 284 29.73 -9.38 20.72
C SER A 284 31.26 -9.41 20.83
N LEU A 285 31.74 -9.60 22.06
CA LEU A 285 33.18 -9.74 22.26
C LEU A 285 33.72 -10.96 21.53
N GLU A 286 33.00 -12.08 21.60
CA GLU A 286 33.45 -13.28 20.89
C GLU A 286 33.55 -13.01 19.40
N GLN A 287 32.52 -12.37 18.83
CA GLN A 287 32.53 -12.07 17.40
C GLN A 287 33.61 -11.04 17.08
N LYS A 288 33.77 -10.03 17.94
CA LYS A 288 34.86 -9.08 17.75
C LYS A 288 36.21 -9.79 17.73
N ALA A 289 36.38 -10.80 18.59
CA ALA A 289 37.61 -11.58 18.59
C ALA A 289 37.77 -12.32 17.27
N GLU A 290 36.70 -12.96 16.79
CA GLU A 290 36.78 -13.70 15.53
C GLU A 290 37.16 -12.78 14.38
N LEU A 291 36.64 -11.56 14.38
CA LEU A 291 36.99 -10.61 13.32
C LEU A 291 38.48 -10.30 13.36
N GLU A 292 39.01 -10.02 14.55
CA GLU A 292 40.44 -9.70 14.67
C GLU A 292 41.31 -10.90 14.32
N LYS A 293 40.85 -12.12 14.63
CA LYS A 293 41.59 -13.29 14.17
C LYS A 293 41.62 -13.35 12.65
N ALA A 294 40.47 -13.16 12.01
CA ALA A 294 40.42 -13.19 10.56
C ALA A 294 41.32 -12.11 9.96
N LYS A 295 41.28 -10.90 10.51
CA LYS A 295 42.16 -9.85 10.01
C LYS A 295 43.62 -10.23 10.16
N ALA A 296 43.97 -10.87 11.28
CA ALA A 296 45.35 -11.29 11.50
C ALA A 296 45.81 -12.26 10.42
N GLU A 297 44.97 -13.26 10.11
CA GLU A 297 45.33 -14.23 9.08
C GLU A 297 45.58 -13.53 7.75
N LEU A 298 44.66 -12.68 7.32
CA LEU A 298 44.84 -11.96 6.06
C LEU A 298 46.15 -11.19 6.05
N VAL A 299 46.50 -10.54 7.16
CA VAL A 299 47.75 -9.80 7.25
C VAL A 299 48.94 -10.76 7.22
N ALA A 300 48.78 -11.93 7.81
CA ALA A 300 49.86 -12.90 7.94
C ALA A 300 50.03 -13.78 6.70
N GLU A 301 49.45 -13.38 5.56
CA GLU A 301 49.56 -14.18 4.35
C GLU A 301 50.91 -13.96 3.68
N LYS A 302 51.53 -15.06 3.25
CA LYS A 302 52.84 -15.03 2.62
C LYS A 302 52.86 -14.09 1.41
CAA BOY B . -3.30 8.25 -17.66
CAF BOY B . -1.41 7.54 -16.08
CAG BOY B . -3.25 6.01 -16.43
CAH BOY B . -0.79 6.61 -15.20
CAI BOY B . -2.63 5.07 -15.54
CAJ BOY B . -2.64 7.25 -16.72
CAK BOY B . -1.37 5.34 -14.89
CAL BOY B . -0.74 4.34 -13.93
OAB BOY B . -0.75 3.39 -11.32
OAC BOY B . -0.97 2.99 -14.42
OAD BOY B . -1.35 5.84 -11.58
OAE BOY B . -2.99 4.05 -12.29
PAM BOY B . -1.54 4.41 -12.09
HAA3 BOY B . -4.26 8.32 -17.60
HAA2 BOY B . -3.14 8.11 -18.61
HAA1 BOY B . -3.02 9.18 -17.55
HAF1 BOY B . -0.98 8.34 -16.24
HAG1 BOY B . -4.06 5.78 -16.83
HAH1 BOY B . 0.01 6.82 -14.79
HAI1 BOY B . -3.06 4.26 -15.38
HAL1 BOY B . 0.22 4.45 -13.83
HAC1 BOY B . -1.55 2.61 -13.92
C1 GOL C . -11.71 -9.07 -9.66
O1 GOL C . -11.72 -9.53 -11.01
C2 GOL C . -10.25 -9.06 -9.24
O2 GOL C . -10.19 -9.56 -7.94
C3 GOL C . -9.58 -7.70 -9.37
O3 GOL C . -8.16 -7.76 -9.56
O1 SRT D . -12.23 15.56 -4.28
O11 SRT D . -12.47 16.46 -6.16
C1 SRT D . -12.71 15.51 -5.42
C2 SRT D . -13.59 14.38 -5.92
O2 SRT D . -12.95 13.60 -6.86
C3 SRT D . -14.13 13.59 -4.77
O3 SRT D . -15.37 14.15 -4.58
C4 SRT D . -14.29 12.11 -5.05
O4 SRT D . -15.29 11.66 -5.58
O41 SRT D . -13.42 11.31 -4.70
#